data_3OX3
#
_entry.id   3OX3
#
_cell.length_a   56.421
_cell.length_b   83.607
_cell.length_c   106.407
_cell.angle_alpha   90.00
_cell.angle_beta   90.00
_cell.angle_gamma   90.00
#
_symmetry.space_group_name_H-M   'P 21 21 21'
#
loop_
_entity.id
_entity.type
_entity.pdbx_description
1 polymer 'Ribosyldihydronicotinamide dehydrogenase [quinone]'
2 non-polymer 'ZINC ION'
3 non-polymer 'FLAVIN-ADENINE DINUCLEOTIDE'
4 non-polymer "N-[2-(2-methoxy-1H-dipyrido[2,3-a:3',2'-e]pyrrolizin-11-yl)ethyl]furan-2-carboxamide"
5 water water
#
_entity_poly.entity_id   1
_entity_poly.type   'polypeptide(L)'
_entity_poly.pdbx_seq_one_letter_code
;MAGKKVLIVYAHQEPKSFNGSLKNVAVDELSRQGCTVTVSDLYAMNFEPRATDKDITGTLSNPEVFNYGVETHEAYKQRS
LASDITDEQKKVREADLVIFQFPLYWFSVPAILKGWMDRVLCQGFAFDIPGFYDSGLLQGKLALLSVTTGGTAEMYTKTG
VNGDSRYFLWPLQHGTLHFCGFKVLAPQISFAPEIASEEERKGMVAAWSQRLQTIWKEEPIPCTAHWHFGQ
;
_entity_poly.pdbx_strand_id   A,B
#
# COMPACT_ATOMS: atom_id res chain seq x y z
N GLY A 3 -26.82 -10.04 -18.59
CA GLY A 3 -25.35 -9.91 -18.85
C GLY A 3 -24.63 -9.46 -17.59
N LYS A 4 -23.32 -9.25 -17.70
CA LYS A 4 -22.52 -8.82 -16.54
C LYS A 4 -21.51 -7.77 -16.98
N LYS A 5 -21.19 -6.86 -16.06
CA LYS A 5 -20.14 -5.86 -16.30
C LYS A 5 -18.91 -6.21 -15.45
N VAL A 6 -17.74 -6.11 -16.06
CA VAL A 6 -16.46 -6.31 -15.38
C VAL A 6 -15.60 -5.05 -15.53
N LEU A 7 -15.02 -4.60 -14.43
CA LEU A 7 -13.98 -3.58 -14.47
C LEU A 7 -12.65 -4.27 -14.15
N ILE A 8 -11.64 -4.08 -15.00
CA ILE A 8 -10.27 -4.52 -14.68
C ILE A 8 -9.46 -3.28 -14.33
N VAL A 9 -9.01 -3.19 -13.09
CA VAL A 9 -8.11 -2.11 -12.67
C VAL A 9 -6.70 -2.67 -12.77
N TYR A 10 -5.94 -2.11 -13.71
CA TYR A 10 -4.68 -2.68 -14.15
C TYR A 10 -3.53 -1.75 -13.86
N ALA A 11 -2.47 -2.28 -13.25
CA ALA A 11 -1.35 -1.47 -12.80
C ALA A 11 -0.01 -2.07 -13.21
N HIS A 12 0.34 -1.90 -14.49
CA HIS A 12 1.67 -2.24 -14.98
C HIS A 12 2.06 -1.26 -16.09
N GLN A 13 3.35 -0.90 -16.12
CA GLN A 13 3.90 0.13 -17.02
C GLN A 13 4.07 -0.31 -18.47
N GLU A 14 4.17 -1.62 -18.67
CA GLU A 14 4.63 -2.22 -19.93
C GLU A 14 3.56 -3.13 -20.55
N PRO A 15 3.02 -2.76 -21.72
CA PRO A 15 2.01 -3.60 -22.40
C PRO A 15 2.48 -5.03 -22.69
N LYS A 16 3.77 -5.20 -22.95
CA LYS A 16 4.35 -6.52 -23.28
C LYS A 16 4.67 -7.39 -22.05
N SER A 17 4.37 -6.88 -20.85
CA SER A 17 4.64 -7.60 -19.61
C SER A 17 3.74 -8.81 -19.42
N PHE A 18 4.14 -9.68 -18.49
CA PHE A 18 3.31 -10.81 -18.05
C PHE A 18 1.97 -10.32 -17.48
N ASN A 19 2.00 -9.24 -16.68
CA ASN A 19 0.76 -8.62 -16.21
C ASN A 19 -0.11 -8.16 -17.36
N GLY A 20 0.53 -7.53 -18.35
CA GLY A 20 -0.12 -7.11 -19.59
C GLY A 20 -0.82 -8.27 -20.29
N SER A 21 -0.14 -9.41 -20.36
CA SER A 21 -0.72 -10.61 -20.96
C SER A 21 -1.92 -11.13 -20.18
N LEU A 22 -1.82 -11.15 -18.84
CA LEU A 22 -2.94 -11.55 -18.00
C LEU A 22 -4.15 -10.62 -18.14
N LYS A 23 -3.90 -9.32 -18.21
CA LYS A 23 -5.01 -8.37 -18.43
C LYS A 23 -5.64 -8.64 -19.79
N ASN A 24 -4.82 -8.83 -20.81
CA ASN A 24 -5.29 -9.04 -22.17
C ASN A 24 -6.13 -10.31 -22.35
N VAL A 25 -5.73 -11.41 -21.71
N VAL A 25 -5.69 -11.39 -21.71
CA VAL A 25 -6.52 -12.64 -21.79
CA VAL A 25 -6.44 -12.65 -21.70
C VAL A 25 -7.82 -12.55 -20.99
C VAL A 25 -7.79 -12.51 -21.01
N ALA A 26 -7.81 -11.74 -19.92
CA ALA A 26 -9.03 -11.46 -19.18
C ALA A 26 -10.02 -10.69 -20.06
N VAL A 27 -9.54 -9.64 -20.74
CA VAL A 27 -10.36 -8.92 -21.72
C VAL A 27 -10.88 -9.87 -22.80
N ASP A 28 -9.97 -10.64 -23.41
CA ASP A 28 -10.34 -11.56 -24.50
C ASP A 28 -11.42 -12.55 -24.06
N GLU A 29 -11.19 -13.23 -22.94
CA GLU A 29 -12.10 -14.28 -22.50
C GLU A 29 -13.45 -13.71 -22.03
N LEU A 30 -13.42 -12.64 -21.24
CA LEU A 30 -14.66 -12.07 -20.76
C LEU A 30 -15.46 -11.45 -21.91
N SER A 31 -14.77 -10.83 -22.86
CA SER A 31 -15.41 -10.31 -24.10
C SER A 31 -16.06 -11.46 -24.89
N ARG A 32 -15.32 -12.56 -25.06
CA ARG A 32 -15.82 -13.78 -25.74
C ARG A 32 -17.13 -14.28 -25.12
N GLN A 33 -17.24 -14.18 -23.80
CA GLN A 33 -18.43 -14.64 -23.08
C GLN A 33 -19.63 -13.72 -23.30
N GLY A 34 -19.40 -12.52 -23.83
CA GLY A 34 -20.46 -11.53 -24.00
C GLY A 34 -20.55 -10.53 -22.87
N CYS A 35 -19.59 -10.57 -21.95
CA CYS A 35 -19.53 -9.65 -20.83
C CYS A 35 -19.19 -8.24 -21.28
N THR A 36 -19.67 -7.26 -20.52
CA THR A 36 -19.30 -5.87 -20.75
C THR A 36 -17.99 -5.66 -20.00
N VAL A 37 -16.96 -5.18 -20.71
CA VAL A 37 -15.63 -5.06 -20.11
C VAL A 37 -15.07 -3.63 -20.24
N THR A 38 -14.57 -3.13 -19.11
CA THR A 38 -13.88 -1.86 -19.07
C THR A 38 -12.53 -2.08 -18.36
N VAL A 39 -11.49 -1.40 -18.82
CA VAL A 39 -10.15 -1.47 -18.21
C VAL A 39 -9.73 -0.06 -17.80
N SER A 40 -9.28 0.07 -16.56
CA SER A 40 -8.63 1.29 -16.09
C SER A 40 -7.14 1.00 -16.06
N ASP A 41 -6.43 1.45 -17.09
CA ASP A 41 -4.99 1.22 -17.20
C ASP A 41 -4.31 2.36 -16.48
N LEU A 42 -4.01 2.17 -15.21
CA LEU A 42 -3.64 3.30 -14.35
C LEU A 42 -2.41 4.07 -14.84
N TYR A 43 -1.36 3.37 -15.25
CA TYR A 43 -0.16 4.06 -15.70
C TYR A 43 -0.40 4.84 -17.00
N ALA A 44 -1.17 4.26 -17.90
CA ALA A 44 -1.50 4.94 -19.15
C ALA A 44 -2.33 6.20 -18.91
N MET A 45 -3.18 6.14 -17.88
CA MET A 45 -4.01 7.26 -17.46
C MET A 45 -3.23 8.31 -16.66
N ASN A 46 -1.97 8.01 -16.36
CA ASN A 46 -1.17 8.79 -15.38
C ASN A 46 -2.00 9.08 -14.12
N PHE A 47 -2.67 8.04 -13.63
CA PHE A 47 -3.60 8.19 -12.50
C PHE A 47 -2.92 8.80 -11.29
N GLU A 48 -3.57 9.81 -10.72
CA GLU A 48 -3.07 10.52 -9.55
C GLU A 48 -3.20 9.65 -8.28
N PRO A 49 -2.08 9.31 -7.62
CA PRO A 49 -2.18 8.48 -6.42
C PRO A 49 -2.34 9.27 -5.12
N ARG A 50 -1.98 10.55 -5.14
CA ARG A 50 -1.92 11.32 -3.90
C ARG A 50 -3.30 11.81 -3.44
N ALA A 51 -3.60 11.59 -2.16
CA ALA A 51 -4.82 12.09 -1.54
C ALA A 51 -4.64 13.56 -1.14
N THR A 52 -5.19 14.48 -1.92
CA THR A 52 -4.97 15.92 -1.65
C THR A 52 -6.25 16.73 -1.80
N ASP A 53 -6.16 18.01 -1.41
CA ASP A 53 -7.30 18.92 -1.51
C ASP A 53 -7.75 19.22 -2.93
N LYS A 54 -6.92 18.84 -3.91
CA LYS A 54 -7.31 18.95 -5.32
C LYS A 54 -8.42 17.96 -5.68
N ASP A 55 -8.67 17.00 -4.78
CA ASP A 55 -9.68 15.96 -5.00
C ASP A 55 -11.10 16.48 -4.81
N ILE A 56 -11.20 17.69 -4.27
CA ILE A 56 -12.47 18.36 -4.04
C ILE A 56 -12.52 19.60 -4.92
N THR A 57 -13.62 19.76 -5.64
CA THR A 57 -13.85 20.94 -6.49
C THR A 57 -14.69 21.94 -5.71
N GLY A 58 -14.66 23.21 -6.12
CA GLY A 58 -15.41 24.25 -5.43
C GLY A 58 -14.78 24.57 -4.08
N THR A 59 -15.61 24.86 -3.08
CA THR A 59 -15.08 25.29 -1.78
C THR A 59 -15.09 24.16 -0.75
N LEU A 60 -14.05 24.14 0.09
CA LEU A 60 -13.89 23.08 1.07
C LEU A 60 -14.82 23.24 2.27
N SER A 61 -15.19 22.10 2.87
CA SER A 61 -16.00 22.08 4.08
C SER A 61 -15.31 22.90 5.19
N ASN A 62 -13.98 22.79 5.26
CA ASN A 62 -13.18 23.56 6.24
C ASN A 62 -11.85 24.00 5.64
N PRO A 63 -11.79 25.23 5.09
CA PRO A 63 -10.56 25.77 4.47
C PRO A 63 -9.43 26.06 5.47
N GLU A 64 -9.70 25.88 6.76
CA GLU A 64 -8.73 26.22 7.80
C GLU A 64 -7.88 25.00 8.20
N VAL A 65 -8.54 23.85 8.31
CA VAL A 65 -7.90 22.60 8.68
C VAL A 65 -8.43 21.55 7.71
N PHE A 66 -7.53 20.92 6.96
CA PHE A 66 -7.90 19.96 5.93
C PHE A 66 -7.92 18.52 6.46
N ASN A 67 -9.10 17.91 6.44
CA ASN A 67 -9.31 16.50 6.81
C ASN A 67 -9.77 15.76 5.56
N TYR A 68 -8.86 14.98 4.97
CA TYR A 68 -9.15 14.35 3.68
C TYR A 68 -10.41 13.47 3.74
N GLY A 69 -10.53 12.66 4.77
CA GLY A 69 -11.69 11.80 4.94
C GLY A 69 -13.00 12.56 5.01
N VAL A 70 -13.06 13.57 5.87
CA VAL A 70 -14.28 14.37 5.99
C VAL A 70 -14.60 15.10 4.68
N GLU A 71 -13.58 15.74 4.09
CA GLU A 71 -13.78 16.54 2.89
C GLU A 71 -14.27 15.74 1.70
N THR A 72 -13.70 14.54 1.52
CA THR A 72 -14.09 13.71 0.40
C THR A 72 -15.46 13.07 0.60
N HIS A 73 -15.79 12.74 1.85
CA HIS A 73 -17.13 12.25 2.18
C HIS A 73 -18.17 13.31 1.82
N GLU A 74 -17.94 14.54 2.27
CA GLU A 74 -18.85 15.66 2.00
C GLU A 74 -18.94 15.99 0.50
N ALA A 75 -17.79 15.95 -0.17
CA ALA A 75 -17.70 16.18 -1.63
C ALA A 75 -18.47 15.11 -2.41
N TYR A 76 -18.38 13.86 -1.96
CA TYR A 76 -19.18 12.79 -2.57
C TYR A 76 -20.68 13.06 -2.49
N LYS A 77 -21.15 13.36 -1.27
CA LYS A 77 -22.55 13.69 -1.01
C LYS A 77 -23.02 14.92 -1.79
N GLN A 78 -22.13 15.90 -1.95
N GLN A 78 -22.14 15.91 -1.95
CA GLN A 78 -22.43 17.15 -2.66
CA GLN A 78 -22.47 17.14 -2.67
C GLN A 78 -22.03 17.13 -4.13
C GLN A 78 -22.01 17.13 -4.12
N ARG A 79 -21.72 15.94 -4.65
CA ARG A 79 -21.30 15.74 -6.06
C ARG A 79 -20.17 16.68 -6.51
N SER A 80 -19.17 16.86 -5.64
CA SER A 80 -18.11 17.82 -5.86
C SER A 80 -16.69 17.22 -5.83
N LEU A 81 -16.59 15.92 -6.15
CA LEU A 81 -15.30 15.24 -6.24
C LEU A 81 -14.66 15.50 -7.60
N ALA A 82 -13.32 15.42 -7.68
CA ALA A 82 -12.61 15.59 -8.95
C ALA A 82 -13.07 14.54 -9.95
N SER A 83 -13.04 14.88 -11.24
CA SER A 83 -13.64 14.00 -12.25
C SER A 83 -12.90 12.67 -12.44
N ASP A 84 -11.58 12.65 -12.20
CA ASP A 84 -10.86 11.37 -12.27
C ASP A 84 -11.41 10.37 -11.26
N ILE A 85 -11.74 10.85 -10.06
CA ILE A 85 -12.34 10.01 -9.04
C ILE A 85 -13.74 9.58 -9.47
N THR A 86 -14.56 10.53 -9.90
CA THR A 86 -15.95 10.17 -10.22
C THR A 86 -16.05 9.25 -11.44
N ASP A 87 -15.14 9.43 -12.41
CA ASP A 87 -15.06 8.55 -13.57
C ASP A 87 -14.84 7.10 -13.08
N GLU A 88 -13.94 6.91 -12.10
CA GLU A 88 -13.69 5.58 -11.57
C GLU A 88 -14.89 5.04 -10.77
N GLN A 89 -15.52 5.90 -9.99
CA GLN A 89 -16.67 5.48 -9.20
C GLN A 89 -17.80 4.99 -10.09
N LYS A 90 -18.00 5.66 -11.23
CA LYS A 90 -19.03 5.23 -12.16
C LYS A 90 -18.72 3.82 -12.67
N LYS A 91 -17.46 3.55 -13.00
CA LYS A 91 -17.07 2.22 -13.49
C LYS A 91 -17.31 1.15 -12.42
N VAL A 92 -17.01 1.52 -11.17
CA VAL A 92 -17.16 0.59 -10.07
C VAL A 92 -18.64 0.34 -9.76
N ARG A 93 -19.42 1.41 -9.70
CA ARG A 93 -20.88 1.36 -9.41
C ARG A 93 -21.58 0.40 -10.38
N GLU A 94 -21.21 0.51 -11.65
CA GLU A 94 -21.84 -0.31 -12.67
C GLU A 94 -21.29 -1.74 -12.75
N ALA A 95 -20.12 -1.98 -12.19
CA ALA A 95 -19.48 -3.29 -12.29
C ALA A 95 -20.13 -4.36 -11.41
N ASP A 96 -20.16 -5.59 -11.93
CA ASP A 96 -20.58 -6.76 -11.14
C ASP A 96 -19.37 -7.46 -10.57
N LEU A 97 -18.25 -7.33 -11.27
CA LEU A 97 -16.96 -7.92 -10.88
C LEU A 97 -15.84 -6.90 -11.12
N VAL A 98 -15.01 -6.70 -10.10
CA VAL A 98 -13.82 -5.86 -10.23
C VAL A 98 -12.59 -6.74 -10.06
N ILE A 99 -11.77 -6.84 -11.10
CA ILE A 99 -10.53 -7.59 -11.07
C ILE A 99 -9.39 -6.58 -10.97
N PHE A 100 -8.50 -6.80 -9.99
CA PHE A 100 -7.26 -6.00 -9.88
C PHE A 100 -6.11 -6.84 -10.40
N GLN A 101 -5.40 -6.30 -11.38
CA GLN A 101 -4.29 -7.00 -12.00
C GLN A 101 -3.01 -6.22 -11.73
N PHE A 102 -2.10 -6.78 -10.94
CA PHE A 102 -0.92 -6.03 -10.54
C PHE A 102 0.23 -6.94 -10.11
N PRO A 103 1.47 -6.44 -10.26
CA PRO A 103 2.62 -7.09 -9.63
C PRO A 103 2.66 -6.73 -8.15
N LEU A 104 2.99 -7.70 -7.30
CA LEU A 104 3.23 -7.44 -5.89
C LEU A 104 4.39 -6.47 -5.72
N TYR A 105 4.13 -5.35 -5.06
CA TYR A 105 5.16 -4.38 -4.64
C TYR A 105 5.14 -4.30 -3.12
N TRP A 106 6.20 -4.77 -2.49
CA TRP A 106 6.35 -4.68 -1.03
C TRP A 106 5.16 -5.29 -0.30
N PHE A 107 4.85 -6.54 -0.67
CA PHE A 107 3.76 -7.32 -0.07
C PHE A 107 2.39 -6.60 -0.23
N SER A 108 2.25 -5.76 -1.25
CA SER A 108 1.05 -4.94 -1.40
C SER A 108 0.85 -4.55 -2.89
N VAL A 109 -0.05 -3.60 -3.13
CA VAL A 109 -0.27 -3.09 -4.47
C VAL A 109 0.76 -2.00 -4.78
N PRO A 110 1.17 -1.83 -6.05
CA PRO A 110 1.94 -0.65 -6.47
C PRO A 110 1.26 0.63 -5.99
N ALA A 111 2.05 1.65 -5.63
CA ALA A 111 1.51 2.89 -5.14
C ALA A 111 0.40 3.51 -6.01
N ILE A 112 0.51 3.39 -7.33
CA ILE A 112 -0.51 3.98 -8.20
C ILE A 112 -1.88 3.33 -7.95
N LEU A 113 -1.87 2.01 -7.71
CA LEU A 113 -3.09 1.28 -7.40
C LEU A 113 -3.52 1.54 -5.96
N LYS A 114 -2.57 1.68 -5.04
CA LYS A 114 -2.94 2.08 -3.66
C LYS A 114 -3.68 3.42 -3.71
N GLY A 115 -3.23 4.31 -4.58
CA GLY A 115 -3.82 5.63 -4.73
C GLY A 115 -5.25 5.57 -5.26
N TRP A 116 -5.49 4.67 -6.20
CA TRP A 116 -6.84 4.39 -6.71
C TRP A 116 -7.73 3.97 -5.54
N MET A 117 -7.26 3.05 -4.70
CA MET A 117 -8.02 2.61 -3.54
C MET A 117 -8.30 3.77 -2.58
N ASP A 118 -7.27 4.54 -2.25
CA ASP A 118 -7.39 5.66 -1.31
C ASP A 118 -8.41 6.72 -1.80
N ARG A 119 -8.36 7.03 -3.08
CA ARG A 119 -9.10 8.18 -3.63
C ARG A 119 -10.48 7.80 -4.17
N VAL A 120 -10.59 6.62 -4.77
CA VAL A 120 -11.88 6.17 -5.34
C VAL A 120 -12.85 5.59 -4.30
N LEU A 121 -12.32 4.87 -3.32
CA LEU A 121 -13.17 4.16 -2.36
C LEU A 121 -13.48 5.04 -1.13
N CYS A 122 -14.11 6.18 -1.36
CA CYS A 122 -14.35 7.15 -0.30
C CYS A 122 -15.60 6.81 0.52
N GLN A 123 -15.69 7.39 1.71
CA GLN A 123 -16.88 7.24 2.54
C GLN A 123 -18.09 7.82 1.81
N GLY A 124 -19.21 7.10 1.87
CA GLY A 124 -20.44 7.51 1.16
C GLY A 124 -20.58 6.75 -0.14
N PHE A 125 -19.45 6.41 -0.76
CA PHE A 125 -19.44 5.61 -1.97
C PHE A 125 -19.24 4.11 -1.67
N ALA A 126 -18.13 3.79 -1.04
CA ALA A 126 -17.70 2.40 -0.86
C ALA A 126 -18.10 1.82 0.50
N PHE A 127 -18.31 2.71 1.47
CA PHE A 127 -18.69 2.31 2.82
C PHE A 127 -19.26 3.52 3.54
N ASP A 128 -19.98 3.25 4.63
CA ASP A 128 -20.18 4.23 5.68
C ASP A 128 -20.52 3.50 6.97
N ILE A 129 -21.00 4.24 7.95
CA ILE A 129 -21.51 3.66 9.19
C ILE A 129 -23.03 3.63 8.98
N PRO A 130 -23.64 2.42 8.99
CA PRO A 130 -23.11 1.10 9.30
C PRO A 130 -22.74 0.24 8.09
N GLY A 131 -22.73 0.83 6.90
CA GLY A 131 -22.48 0.05 5.68
C GLY A 131 -21.02 -0.35 5.47
N PHE A 132 -20.56 -1.34 6.24
CA PHE A 132 -19.20 -1.87 6.11
C PHE A 132 -19.12 -3.38 6.35
N TYR A 133 -17.98 -3.96 6.01
CA TYR A 133 -17.81 -5.41 5.90
C TYR A 133 -18.98 -6.10 5.18
N ASP A 134 -19.72 -6.97 5.85
CA ASP A 134 -20.84 -7.67 5.21
C ASP A 134 -21.94 -6.73 4.68
N SER A 135 -22.12 -5.58 5.33
CA SER A 135 -23.13 -4.60 4.89
C SER A 135 -22.53 -3.44 4.07
N GLY A 136 -21.28 -3.61 3.63
CA GLY A 136 -20.61 -2.57 2.83
C GLY A 136 -21.41 -2.11 1.62
N LEU A 137 -21.22 -0.86 1.23
CA LEU A 137 -22.03 -0.22 0.18
C LEU A 137 -21.84 -0.84 -1.21
N LEU A 138 -20.76 -1.57 -1.41
CA LEU A 138 -20.53 -2.28 -2.66
C LEU A 138 -20.95 -3.75 -2.58
N GLN A 139 -21.81 -4.10 -1.61
CA GLN A 139 -22.32 -5.46 -1.46
C GLN A 139 -22.98 -5.96 -2.73
N GLY A 140 -22.82 -7.24 -3.00
CA GLY A 140 -23.39 -7.85 -4.21
C GLY A 140 -22.39 -7.86 -5.35
N LYS A 141 -21.37 -7.01 -5.26
CA LYS A 141 -20.30 -7.03 -6.26
C LYS A 141 -19.25 -8.07 -5.88
N LEU A 142 -18.61 -8.62 -6.89
CA LEU A 142 -17.48 -9.51 -6.68
C LEU A 142 -16.17 -8.76 -6.89
N ALA A 143 -15.14 -9.16 -6.14
CA ALA A 143 -13.79 -8.65 -6.37
C ALA A 143 -12.76 -9.78 -6.37
N LEU A 144 -11.66 -9.57 -7.09
CA LEU A 144 -10.67 -10.60 -7.29
C LEU A 144 -9.30 -9.96 -7.49
N LEU A 145 -8.32 -10.37 -6.68
CA LEU A 145 -6.93 -9.97 -6.88
C LEU A 145 -6.17 -10.96 -7.78
N SER A 146 -5.63 -10.46 -8.88
CA SER A 146 -4.77 -11.24 -9.74
C SER A 146 -3.38 -10.65 -9.64
N VAL A 147 -2.54 -11.35 -8.86
CA VAL A 147 -1.23 -10.85 -8.45
C VAL A 147 -0.13 -11.70 -9.10
N THR A 148 0.95 -11.04 -9.50
CA THR A 148 2.17 -11.72 -9.89
C THR A 148 3.23 -11.40 -8.84
N THR A 149 4.13 -12.34 -8.61
CA THR A 149 5.19 -12.19 -7.61
C THR A 149 6.58 -12.33 -8.22
N GLY A 150 7.60 -11.83 -7.51
CA GLY A 150 8.97 -12.13 -7.84
C GLY A 150 9.43 -13.39 -7.11
N GLY A 151 8.94 -13.58 -5.90
CA GLY A 151 9.27 -14.74 -5.06
C GLY A 151 8.51 -15.98 -5.48
N THR A 152 9.21 -17.12 -5.48
CA THR A 152 8.62 -18.40 -5.88
C THR A 152 7.59 -18.88 -4.86
N ALA A 153 6.74 -19.83 -5.29
CA ALA A 153 5.68 -20.34 -4.41
C ALA A 153 6.21 -20.86 -3.08
N GLU A 154 7.35 -21.55 -3.12
CA GLU A 154 7.97 -22.13 -1.91
C GLU A 154 8.30 -21.07 -0.86
N MET A 155 8.81 -19.92 -1.30
CA MET A 155 9.11 -18.81 -0.39
C MET A 155 7.88 -18.28 0.32
N TYR A 156 6.72 -18.40 -0.33
CA TYR A 156 5.43 -17.98 0.23
C TYR A 156 4.65 -19.10 0.96
N THR A 157 5.39 -19.99 1.62
CA THR A 157 4.80 -21.00 2.49
C THR A 157 4.91 -20.52 3.93
N LYS A 158 4.07 -21.03 4.82
CA LYS A 158 3.96 -20.50 6.19
C LYS A 158 5.28 -20.52 6.96
N THR A 159 6.18 -21.42 6.55
CA THR A 159 7.51 -21.51 7.15
C THR A 159 8.62 -21.08 6.18
N GLY A 160 8.22 -20.54 5.02
CA GLY A 160 9.18 -19.95 4.08
C GLY A 160 9.58 -18.55 4.55
N VAL A 161 10.56 -17.95 3.88
CA VAL A 161 11.08 -16.63 4.29
C VAL A 161 10.03 -15.51 4.25
N ASN A 162 9.16 -15.56 3.25
CA ASN A 162 8.16 -14.52 3.06
C ASN A 162 6.88 -14.76 3.84
N GLY A 163 6.75 -15.96 4.43
CA GLY A 163 5.51 -16.37 5.09
C GLY A 163 4.44 -16.72 4.06
N ASP A 164 3.28 -17.14 4.55
CA ASP A 164 2.16 -17.52 3.69
C ASP A 164 1.68 -16.34 2.85
N SER A 165 1.37 -16.61 1.58
CA SER A 165 0.72 -15.63 0.70
C SER A 165 -0.50 -14.97 1.34
N ARG A 166 -1.29 -15.77 2.06
CA ARG A 166 -2.49 -15.27 2.71
C ARG A 166 -2.22 -14.17 3.73
N TYR A 167 -1.02 -14.15 4.30
CA TYR A 167 -0.64 -13.11 5.27
C TYR A 167 -0.67 -11.71 4.65
N PHE A 168 -0.09 -11.56 3.47
CA PHE A 168 -0.09 -10.23 2.84
C PHE A 168 -1.44 -9.86 2.21
N LEU A 169 -2.30 -10.86 1.98
CA LEU A 169 -3.61 -10.60 1.37
C LEU A 169 -4.58 -9.91 2.32
N TRP A 170 -4.34 -10.05 3.62
CA TRP A 170 -5.21 -9.49 4.66
C TRP A 170 -5.65 -8.02 4.46
N PRO A 171 -4.68 -7.08 4.34
CA PRO A 171 -5.08 -5.69 4.18
C PRO A 171 -5.86 -5.42 2.89
N LEU A 172 -5.58 -6.18 1.85
CA LEU A 172 -6.25 -5.98 0.55
C LEU A 172 -7.61 -6.66 0.52
N GLN A 173 -7.63 -7.96 0.79
CA GLN A 173 -8.87 -8.72 0.75
C GLN A 173 -9.84 -8.34 1.86
N HIS A 174 -9.34 -8.25 3.09
CA HIS A 174 -10.21 -7.98 4.23
C HIS A 174 -10.33 -6.51 4.56
N GLY A 175 -9.20 -5.86 4.81
CA GLY A 175 -9.18 -4.46 5.20
C GLY A 175 -9.78 -3.53 4.17
N THR A 176 -9.70 -3.92 2.90
CA THR A 176 -10.21 -3.10 1.80
C THR A 176 -11.45 -3.66 1.11
N LEU A 177 -11.30 -4.78 0.40
CA LEU A 177 -12.39 -5.32 -0.42
C LEU A 177 -13.60 -5.78 0.42
N HIS A 178 -13.36 -6.63 1.41
CA HIS A 178 -14.43 -7.06 2.31
C HIS A 178 -15.02 -5.88 3.08
N PHE A 179 -14.18 -4.96 3.56
CA PHE A 179 -14.67 -3.79 4.26
C PHE A 179 -15.70 -3.00 3.43
N CYS A 180 -15.51 -2.96 2.11
CA CYS A 180 -16.44 -2.25 1.24
C CYS A 180 -17.68 -3.07 0.86
N GLY A 181 -17.75 -4.32 1.32
CA GLY A 181 -18.91 -5.16 1.03
C GLY A 181 -18.74 -6.13 -0.12
N PHE A 182 -17.58 -6.09 -0.78
CA PHE A 182 -17.27 -7.02 -1.85
C PHE A 182 -17.29 -8.47 -1.35
N LYS A 183 -17.90 -9.33 -2.16
CA LYS A 183 -17.65 -10.75 -2.04
C LYS A 183 -16.32 -11.00 -2.73
N VAL A 184 -15.41 -11.63 -2.00
CA VAL A 184 -14.04 -11.75 -2.47
C VAL A 184 -13.79 -13.12 -3.09
N LEU A 185 -13.53 -13.15 -4.39
CA LEU A 185 -13.15 -14.40 -5.02
C LEU A 185 -11.69 -14.77 -4.68
N ALA A 186 -11.40 -16.07 -4.74
CA ALA A 186 -10.06 -16.59 -4.50
C ALA A 186 -9.02 -15.86 -5.36
N PRO A 187 -7.89 -15.46 -4.75
CA PRO A 187 -6.90 -14.72 -5.53
C PRO A 187 -6.29 -15.58 -6.62
N GLN A 188 -5.96 -14.96 -7.73
CA GLN A 188 -5.17 -15.63 -8.72
C GLN A 188 -3.74 -15.19 -8.48
N ILE A 189 -2.88 -16.11 -8.05
CA ILE A 189 -1.48 -15.74 -7.86
C ILE A 189 -0.58 -16.42 -8.88
N SER A 190 0.07 -15.63 -9.71
CA SER A 190 1.02 -16.15 -10.66
C SER A 190 2.44 -15.99 -10.11
N PHE A 191 2.96 -17.06 -9.49
CA PHE A 191 4.26 -17.01 -8.81
C PHE A 191 5.44 -16.97 -9.77
N ALA A 192 6.31 -15.98 -9.58
CA ALA A 192 7.63 -15.89 -10.23
C ALA A 192 7.71 -16.14 -11.76
N PRO A 193 6.95 -15.36 -12.55
CA PRO A 193 7.00 -15.49 -14.01
C PRO A 193 8.35 -15.15 -14.66
N GLU A 194 9.14 -14.27 -14.03
CA GLU A 194 10.37 -13.79 -14.65
C GLU A 194 11.42 -14.87 -14.80
N ILE A 195 11.39 -15.86 -13.89
CA ILE A 195 12.34 -16.97 -13.97
C ILE A 195 11.73 -18.12 -14.79
N ALA A 196 10.86 -17.72 -15.72
CA ALA A 196 10.33 -18.54 -16.82
C ALA A 196 9.73 -19.87 -16.33
N SER A 197 9.66 -20.93 -17.15
CA SER A 197 10.05 -20.97 -18.56
C SER A 197 9.00 -20.34 -19.49
N GLU A 198 9.37 -20.22 -20.77
CA GLU A 198 8.48 -19.78 -21.84
C GLU A 198 7.13 -20.50 -21.78
N GLU A 199 7.18 -21.83 -21.70
CA GLU A 199 5.97 -22.66 -21.68
C GLU A 199 5.27 -22.69 -20.32
N GLU A 200 6.02 -22.49 -19.24
CA GLU A 200 5.43 -22.37 -17.90
C GLU A 200 4.66 -21.06 -17.78
N ARG A 201 5.20 -20.01 -18.40
CA ARG A 201 4.54 -18.72 -18.52
C ARG A 201 3.26 -18.83 -19.33
N LYS A 202 3.37 -19.48 -20.50
CA LYS A 202 2.21 -19.79 -21.35
C LYS A 202 1.14 -20.56 -20.58
N GLY A 203 1.59 -21.45 -19.70
CA GLY A 203 0.71 -22.26 -18.87
C GLY A 203 -0.03 -21.48 -17.79
N MET A 204 0.62 -20.48 -17.21
CA MET A 204 -0.02 -19.67 -16.17
C MET A 204 -1.09 -18.75 -16.77
N VAL A 205 -0.78 -18.17 -17.93
CA VAL A 205 -1.71 -17.34 -18.70
C VAL A 205 -2.96 -18.20 -19.03
N ALA A 206 -2.71 -19.39 -19.58
CA ALA A 206 -3.76 -20.33 -19.95
C ALA A 206 -4.68 -20.71 -18.79
N ALA A 207 -4.12 -20.93 -17.61
CA ALA A 207 -4.91 -21.31 -16.43
C ALA A 207 -5.83 -20.20 -15.94
N TRP A 208 -5.38 -18.96 -16.12
CA TRP A 208 -6.15 -17.77 -15.78
C TRP A 208 -7.34 -17.66 -16.74
N SER A 209 -7.04 -17.78 -18.03
CA SER A 209 -8.08 -17.80 -19.07
C SER A 209 -9.12 -18.88 -18.77
N GLN A 210 -8.66 -20.10 -18.47
CA GLN A 210 -9.53 -21.23 -18.11
C GLN A 210 -10.40 -20.95 -16.89
N ARG A 211 -9.80 -20.41 -15.82
CA ARG A 211 -10.59 -20.07 -14.64
C ARG A 211 -11.68 -19.05 -14.98
N LEU A 212 -11.35 -18.09 -15.83
CA LEU A 212 -12.31 -17.05 -16.20
C LEU A 212 -13.56 -17.60 -16.89
N GLN A 213 -13.41 -18.75 -17.54
CA GLN A 213 -14.54 -19.43 -18.18
C GLN A 213 -15.72 -19.68 -17.25
N THR A 214 -15.42 -20.01 -16.00
CA THR A 214 -16.47 -20.34 -15.03
C THR A 214 -16.41 -19.43 -13.80
N ILE A 215 -15.96 -18.20 -14.01
CA ILE A 215 -15.78 -17.25 -12.93
C ILE A 215 -17.10 -16.93 -12.21
N TRP A 216 -18.22 -16.93 -12.95
CA TRP A 216 -19.54 -16.61 -12.40
C TRP A 216 -20.16 -17.76 -11.62
N LYS A 217 -19.57 -18.94 -11.74
CA LYS A 217 -20.03 -20.12 -10.98
C LYS A 217 -19.47 -20.09 -9.56
N GLU A 218 -18.30 -19.47 -9.39
CA GLU A 218 -17.57 -19.47 -8.13
C GLU A 218 -18.31 -18.89 -6.92
N GLU A 219 -18.03 -19.46 -5.75
CA GLU A 219 -18.44 -18.91 -4.45
C GLU A 219 -17.28 -18.08 -3.88
N PRO A 220 -17.59 -16.94 -3.24
CA PRO A 220 -16.54 -16.13 -2.59
C PRO A 220 -15.87 -16.85 -1.41
N ILE A 221 -14.58 -16.56 -1.16
CA ILE A 221 -13.88 -17.12 -0.01
C ILE A 221 -14.53 -16.66 1.31
N PRO A 222 -14.35 -17.45 2.40
CA PRO A 222 -14.74 -16.88 3.68
C PRO A 222 -13.66 -15.89 4.09
N CYS A 223 -13.96 -14.60 3.97
CA CYS A 223 -12.93 -13.58 4.16
C CYS A 223 -12.79 -13.29 5.65
N THR A 224 -12.06 -14.17 6.33
CA THR A 224 -11.95 -14.12 7.79
C THR A 224 -10.49 -14.18 8.23
N ALA A 225 -10.26 -13.81 9.49
CA ALA A 225 -8.96 -13.98 10.11
C ALA A 225 -8.47 -15.43 9.99
N HIS A 226 -9.38 -16.39 10.17
CA HIS A 226 -9.02 -17.80 10.05
C HIS A 226 -8.52 -18.20 8.65
N TRP A 227 -9.23 -17.77 7.60
CA TRP A 227 -8.80 -18.06 6.23
C TRP A 227 -7.38 -17.56 5.96
N HIS A 228 -7.08 -16.35 6.42
CA HIS A 228 -5.78 -15.72 6.16
C HIS A 228 -4.68 -16.25 7.08
N PHE A 229 -5.03 -16.49 8.33
CA PHE A 229 -4.04 -16.83 9.34
C PHE A 229 -4.31 -18.21 9.95
N GLY B 3 26.22 10.38 19.21
CA GLY B 3 25.49 11.18 18.19
C GLY B 3 24.75 10.27 17.23
N LYS B 4 23.52 10.63 16.91
CA LYS B 4 22.69 9.78 16.05
C LYS B 4 21.93 10.65 15.06
N LYS B 5 21.65 10.08 13.89
CA LYS B 5 20.82 10.72 12.87
C LYS B 5 19.46 10.05 12.79
N VAL B 6 18.40 10.84 12.76
CA VAL B 6 17.04 10.34 12.62
C VAL B 6 16.41 10.92 11.35
N LEU B 7 15.80 10.06 10.53
CA LEU B 7 14.96 10.52 9.42
C LEU B 7 13.51 10.23 9.78
N ILE B 8 12.65 11.24 9.70
CA ILE B 8 11.20 11.00 9.82
C ILE B 8 10.58 11.13 8.44
N VAL B 9 9.95 10.07 7.95
CA VAL B 9 9.23 10.13 6.68
C VAL B 9 7.77 10.35 7.05
N TYR B 10 7.26 11.50 6.65
CA TYR B 10 5.98 12.02 7.19
C TYR B 10 4.96 12.15 6.06
N ALA B 11 3.77 11.59 6.26
CA ALA B 11 2.73 11.54 5.23
C ALA B 11 1.38 12.04 5.74
N HIS B 12 1.24 13.35 5.89
CA HIS B 12 -0.06 13.94 6.21
C HIS B 12 -0.16 15.31 5.54
N GLN B 13 -1.36 15.62 5.02
CA GLN B 13 -1.59 16.85 4.27
C GLN B 13 -1.64 18.11 5.14
N GLU B 14 -1.95 17.93 6.41
CA GLU B 14 -2.34 19.04 7.27
C GLU B 14 -1.40 19.26 8.46
N PRO B 15 -0.70 20.40 8.48
CA PRO B 15 0.23 20.67 9.57
C PRO B 15 -0.41 20.66 10.96
N LYS B 16 -1.69 21.01 11.05
CA LYS B 16 -2.39 21.10 12.34
C LYS B 16 -2.97 19.77 12.80
N SER B 17 -2.75 18.72 12.01
CA SER B 17 -3.33 17.41 12.28
C SER B 17 -2.68 16.76 13.49
N PHE B 18 -3.30 15.69 13.98
CA PHE B 18 -2.72 14.86 15.03
C PHE B 18 -1.39 14.26 14.57
N ASN B 19 -1.34 13.81 13.31
CA ASN B 19 -0.05 13.32 12.75
C ASN B 19 1.01 14.40 12.75
N GLY B 20 0.62 15.61 12.36
CA GLY B 20 1.50 16.78 12.39
C GLY B 20 2.09 16.98 13.78
N SER B 21 1.25 16.86 14.80
CA SER B 21 1.69 17.02 16.19
C SER B 21 2.67 15.92 16.63
N LEU B 22 2.41 14.68 16.23
CA LEU B 22 3.28 13.56 16.57
C LEU B 22 4.63 13.72 15.88
N LYS B 23 4.60 14.20 14.64
CA LYS B 23 5.85 14.50 13.93
C LYS B 23 6.62 15.61 14.66
N ASN B 24 5.90 16.67 15.03
CA ASN B 24 6.54 17.81 15.64
C ASN B 24 7.15 17.49 16.99
N VAL B 25 6.44 16.71 17.80
CA VAL B 25 6.97 16.32 19.10
C VAL B 25 8.19 15.42 18.92
N ALA B 26 8.20 14.57 17.87
CA ALA B 26 9.38 13.78 17.57
C ALA B 26 10.58 14.67 17.27
N VAL B 27 10.36 15.68 16.44
CA VAL B 27 11.44 16.60 16.06
C VAL B 27 11.91 17.32 17.33
N ASP B 28 10.96 17.83 18.12
CA ASP B 28 11.27 18.60 19.35
C ASP B 28 12.13 17.77 20.31
N GLU B 29 11.71 16.53 20.55
CA GLU B 29 12.34 15.67 21.56
C GLU B 29 13.70 15.12 21.11
N LEU B 30 13.78 14.68 19.87
CA LEU B 30 15.04 14.23 19.32
C LEU B 30 16.02 15.38 19.21
N SER B 31 15.54 16.55 18.78
CA SER B 31 16.38 17.74 18.70
C SER B 31 16.92 18.10 20.11
N ARG B 32 16.04 18.05 21.11
CA ARG B 32 16.41 18.33 22.50
C ARG B 32 17.51 17.40 22.99
N GLN B 33 17.43 16.14 22.59
CA GLN B 33 18.47 15.16 22.93
C GLN B 33 19.81 15.43 22.27
N GLY B 34 19.80 16.30 21.26
CA GLY B 34 21.01 16.60 20.50
C GLY B 34 21.18 15.73 19.27
N CYS B 35 20.14 14.95 18.95
CA CYS B 35 20.14 14.14 17.71
C CYS B 35 20.04 15.03 16.49
N THR B 36 20.54 14.51 15.37
CA THR B 36 20.45 15.17 14.07
C THR B 36 19.14 14.68 13.46
N VAL B 37 18.28 15.61 13.03
CA VAL B 37 16.93 15.24 12.60
C VAL B 37 16.59 15.81 11.23
N THR B 38 16.09 14.94 10.36
CA THR B 38 15.62 15.33 9.03
C THR B 38 14.20 14.82 8.86
N VAL B 39 13.34 15.62 8.22
CA VAL B 39 11.98 15.21 7.94
C VAL B 39 11.77 15.28 6.43
N SER B 40 11.27 14.20 5.86
CA SER B 40 10.78 14.22 4.48
C SER B 40 9.25 14.35 4.57
N ASP B 41 8.76 15.58 4.32
CA ASP B 41 7.33 15.87 4.41
C ASP B 41 6.75 15.57 3.02
N LEU B 42 6.28 14.34 2.82
CA LEU B 42 6.01 13.89 1.47
C LEU B 42 4.98 14.75 0.70
N TYR B 43 3.87 15.15 1.33
CA TYR B 43 2.87 15.96 0.60
C TYR B 43 3.41 17.34 0.25
N ALA B 44 4.17 17.94 1.17
CA ALA B 44 4.71 19.28 0.95
C ALA B 44 5.73 19.25 -0.17
N MET B 45 6.43 18.12 -0.30
CA MET B 45 7.40 17.89 -1.37
C MET B 45 6.75 17.53 -2.72
N ASN B 46 5.42 17.33 -2.71
CA ASN B 46 4.69 16.74 -3.84
C ASN B 46 5.41 15.48 -4.35
N PHE B 47 5.81 14.63 -3.41
CA PHE B 47 6.62 13.47 -3.73
C PHE B 47 5.91 12.59 -4.76
N GLU B 48 6.65 12.22 -5.80
CA GLU B 48 6.13 11.37 -6.89
C GLU B 48 5.96 9.93 -6.40
N PRO B 49 4.72 9.39 -6.40
CA PRO B 49 4.57 8.01 -5.92
C PRO B 49 4.66 6.96 -7.01
N ARG B 50 4.48 7.35 -8.27
CA ARG B 50 4.39 6.37 -9.36
C ARG B 50 5.75 5.83 -9.78
N ALA B 51 5.84 4.52 -9.92
CA ALA B 51 7.04 3.85 -10.41
C ALA B 51 6.99 3.88 -11.93
N THR B 52 7.75 4.77 -12.55
CA THR B 52 7.71 4.91 -14.02
C THR B 52 9.10 4.95 -14.64
N ASP B 53 9.13 4.87 -15.97
CA ASP B 53 10.38 4.97 -16.71
C ASP B 53 11.05 6.35 -16.61
N LYS B 54 10.33 7.35 -16.08
CA LYS B 54 10.95 8.65 -15.79
C LYS B 54 11.97 8.57 -14.64
N ASP B 55 11.99 7.46 -13.92
CA ASP B 55 12.85 7.32 -12.76
C ASP B 55 14.27 6.91 -13.14
N ILE B 56 14.46 6.59 -14.43
CA ILE B 56 15.79 6.29 -14.97
C ILE B 56 16.09 7.34 -16.02
N THR B 57 17.28 7.95 -15.96
CA THR B 57 17.63 9.00 -16.94
C THR B 57 18.53 8.51 -18.08
N GLY B 58 19.22 7.38 -17.88
CA GLY B 58 20.13 6.85 -18.89
C GLY B 58 19.52 5.88 -19.89
N THR B 59 20.39 5.27 -20.69
CA THR B 59 20.00 4.23 -21.62
C THR B 59 19.47 3.06 -20.83
N LEU B 60 18.28 2.58 -21.20
CA LEU B 60 17.69 1.43 -20.55
C LEU B 60 18.41 0.13 -20.91
N SER B 61 18.43 -0.78 -19.96
CA SER B 61 19.03 -2.11 -20.14
C SER B 61 18.27 -2.94 -21.19
N ASN B 62 16.94 -2.80 -21.19
CA ASN B 62 16.11 -3.44 -22.19
C ASN B 62 14.98 -2.49 -22.57
N PRO B 63 15.22 -1.63 -23.58
CA PRO B 63 14.20 -0.65 -23.98
C PRO B 63 12.96 -1.27 -24.66
N GLU B 64 13.05 -2.53 -25.07
CA GLU B 64 11.93 -3.22 -25.74
C GLU B 64 10.80 -3.61 -24.76
N VAL B 65 11.18 -4.02 -23.56
CA VAL B 65 10.23 -4.48 -22.54
C VAL B 65 10.67 -3.89 -21.19
N PHE B 66 9.97 -2.85 -20.74
CA PHE B 66 10.35 -2.15 -19.52
C PHE B 66 9.99 -2.95 -18.26
N ASN B 67 10.99 -3.29 -17.45
CA ASN B 67 10.81 -3.92 -16.15
C ASN B 67 11.36 -2.97 -15.09
N TYR B 68 10.45 -2.38 -14.29
CA TYR B 68 10.83 -1.35 -13.35
C TYR B 68 11.94 -1.78 -12.38
N GLY B 69 11.79 -2.96 -11.79
CA GLY B 69 12.80 -3.48 -10.85
C GLY B 69 14.18 -3.63 -11.48
N VAL B 70 14.22 -4.26 -12.66
CA VAL B 70 15.49 -4.47 -13.40
C VAL B 70 16.14 -3.13 -13.74
N GLU B 71 15.35 -2.23 -14.32
CA GLU B 71 15.91 -0.95 -14.75
C GLU B 71 16.37 -0.05 -13.61
N THR B 72 15.65 -0.06 -12.49
CA THR B 72 16.09 0.76 -11.36
C THR B 72 17.32 0.19 -10.66
N HIS B 73 17.42 -1.15 -10.59
CA HIS B 73 18.62 -1.80 -10.06
C HIS B 73 19.84 -1.36 -10.90
N GLU B 74 19.71 -1.46 -12.20
CA GLU B 74 20.77 -1.04 -13.12
C GLU B 74 21.06 0.45 -13.02
N ALA B 75 20.02 1.27 -12.95
CA ALA B 75 20.18 2.71 -12.80
C ALA B 75 20.88 3.06 -11.50
N TYR B 76 20.59 2.31 -10.44
CA TYR B 76 21.23 2.58 -9.15
C TYR B 76 22.75 2.37 -9.24
N LYS B 77 23.13 1.24 -9.83
CA LYS B 77 24.54 0.91 -10.03
C LYS B 77 25.24 1.94 -10.94
N GLN B 78 24.50 2.46 -11.92
CA GLN B 78 25.05 3.40 -12.90
C GLN B 78 25.00 4.87 -12.48
N ARG B 79 24.30 5.13 -11.38
CA ARG B 79 23.95 6.49 -10.93
C ARG B 79 23.13 7.26 -11.96
N SER B 80 22.10 6.62 -12.50
CA SER B 80 21.21 7.29 -13.43
C SER B 80 19.77 7.30 -12.94
N LEU B 81 19.57 7.16 -11.62
CA LEU B 81 18.23 7.31 -11.04
C LEU B 81 17.85 8.78 -10.97
N ALA B 82 16.55 9.06 -11.02
CA ALA B 82 16.06 10.42 -10.81
C ALA B 82 16.55 10.95 -9.47
N SER B 83 16.84 12.24 -9.43
CA SER B 83 17.45 12.85 -8.26
C SER B 83 16.54 12.86 -7.03
N ASP B 84 15.23 12.85 -7.22
CA ASP B 84 14.32 12.81 -6.05
C ASP B 84 14.49 11.49 -5.28
N ILE B 85 14.77 10.42 -6.01
CA ILE B 85 15.05 9.12 -5.42
C ILE B 85 16.38 9.14 -4.66
N THR B 86 17.44 9.62 -5.31
CA THR B 86 18.76 9.61 -4.69
C THR B 86 18.82 10.55 -3.49
N ASP B 87 18.10 11.67 -3.54
CA ASP B 87 17.96 12.54 -2.37
C ASP B 87 17.45 11.76 -1.14
N GLU B 88 16.40 10.96 -1.34
CA GLU B 88 15.87 10.16 -0.24
C GLU B 88 16.87 9.08 0.21
N GLN B 89 17.51 8.44 -0.75
CA GLN B 89 18.51 7.42 -0.45
C GLN B 89 19.64 7.96 0.42
N LYS B 90 20.06 9.20 0.14
CA LYS B 90 21.10 9.82 1.00
C LYS B 90 20.65 9.98 2.45
N LYS B 91 19.39 10.37 2.64
CA LYS B 91 18.84 10.57 3.98
C LYS B 91 18.79 9.24 4.73
N VAL B 92 18.35 8.21 4.03
CA VAL B 92 18.24 6.87 4.62
C VAL B 92 19.64 6.29 4.94
N ARG B 93 20.57 6.42 3.99
CA ARG B 93 21.94 5.93 4.16
C ARG B 93 22.58 6.49 5.42
N GLU B 94 22.37 7.77 5.67
CA GLU B 94 23.00 8.42 6.82
C GLU B 94 22.25 8.21 8.13
N ALA B 95 20.96 7.84 8.04
CA ALA B 95 20.14 7.70 9.24
C ALA B 95 20.50 6.47 10.08
N ASP B 96 20.41 6.62 11.40
CA ASP B 96 20.51 5.50 12.34
C ASP B 96 19.14 4.94 12.67
N LEU B 97 18.14 5.83 12.62
CA LEU B 97 16.75 5.50 12.89
C LEU B 97 15.87 6.19 11.86
N VAL B 98 14.96 5.41 11.29
CA VAL B 98 13.95 5.96 10.38
C VAL B 98 12.58 5.76 11.00
N ILE B 99 11.88 6.86 11.23
CA ILE B 99 10.51 6.83 11.76
C ILE B 99 9.55 7.16 10.64
N PHE B 100 8.50 6.35 10.50
CA PHE B 100 7.42 6.61 9.55
C PHE B 100 6.21 7.13 10.31
N GLN B 101 5.77 8.33 9.98
CA GLN B 101 4.63 8.94 10.67
C GLN B 101 3.50 9.08 9.68
N PHE B 102 2.41 8.35 9.92
CA PHE B 102 1.32 8.33 8.97
C PHE B 102 -0.01 7.87 9.56
N PRO B 103 -1.12 8.36 8.99
CA PRO B 103 -2.43 7.78 9.28
C PRO B 103 -2.62 6.50 8.48
N LEU B 104 -3.24 5.49 9.11
CA LEU B 104 -3.55 4.24 8.43
C LEU B 104 -4.56 4.51 7.32
N TYR B 105 -4.22 4.10 6.10
CA TYR B 105 -5.09 4.19 4.91
C TYR B 105 -5.26 2.76 4.42
N TRP B 106 -6.47 2.23 4.53
CA TRP B 106 -6.79 0.88 4.04
C TRP B 106 -5.80 -0.16 4.58
N PHE B 107 -5.62 -0.15 5.90
CA PHE B 107 -4.79 -1.14 6.61
C PHE B 107 -3.34 -1.07 6.16
N SER B 108 -2.91 0.11 5.68
CA SER B 108 -1.58 0.28 5.10
C SER B 108 -1.16 1.76 5.16
N VAL B 109 -0.10 2.08 4.42
CA VAL B 109 0.37 3.46 4.33
C VAL B 109 -0.41 4.21 3.23
N PRO B 110 -0.54 5.55 3.36
CA PRO B 110 -1.10 6.35 2.27
C PRO B 110 -0.28 6.12 1.01
N ALA B 111 -0.93 6.17 -0.14
CA ALA B 111 -0.25 5.93 -1.40
C ALA B 111 1.02 6.74 -1.60
N ILE B 112 1.06 7.98 -1.11
CA ILE B 112 2.26 8.80 -1.32
C ILE B 112 3.47 8.17 -0.61
N LEU B 113 3.23 7.60 0.57
CA LEU B 113 4.25 6.88 1.33
C LEU B 113 4.54 5.51 0.71
N LYS B 114 3.52 4.81 0.22
CA LYS B 114 3.79 3.55 -0.50
C LYS B 114 4.74 3.85 -1.68
N GLY B 115 4.54 4.99 -2.33
CA GLY B 115 5.40 5.40 -3.46
C GLY B 115 6.85 5.60 -3.07
N TRP B 116 7.06 6.20 -1.90
CA TRP B 116 8.38 6.36 -1.32
C TRP B 116 9.02 4.97 -1.12
N MET B 117 8.28 4.02 -0.55
CA MET B 117 8.83 2.69 -0.39
CA MET B 117 8.78 2.65 -0.39
C MET B 117 9.18 2.08 -1.75
N ASP B 118 8.26 2.17 -2.71
CA ASP B 118 8.43 1.52 -4.00
C ASP B 118 9.65 2.08 -4.74
N ARG B 119 9.81 3.40 -4.68
CA ARG B 119 10.78 4.09 -5.51
C ARG B 119 12.15 4.24 -4.85
N VAL B 120 12.18 4.40 -3.53
CA VAL B 120 13.43 4.65 -2.83
C VAL B 120 14.17 3.35 -2.50
N LEU B 121 13.42 2.30 -2.18
CA LEU B 121 14.06 1.08 -1.67
C LEU B 121 14.39 0.11 -2.79
N CYS B 122 15.23 0.53 -3.72
CA CYS B 122 15.48 -0.27 -4.92
C CYS B 122 16.56 -1.32 -4.67
N GLN B 123 16.61 -2.33 -5.53
CA GLN B 123 17.66 -3.34 -5.41
C GLN B 123 19.00 -2.65 -5.63
N GLY B 124 20.01 -3.10 -4.89
CA GLY B 124 21.33 -2.46 -4.91
C GLY B 124 21.49 -1.48 -3.75
N PHE B 125 20.40 -0.79 -3.43
CA PHE B 125 20.43 0.16 -2.32
C PHE B 125 19.94 -0.47 -1.02
N ALA B 126 18.72 -0.99 -1.04
CA ALA B 126 18.06 -1.47 0.18
C ALA B 126 18.25 -2.96 0.42
N PHE B 127 18.45 -3.70 -0.68
CA PHE B 127 18.64 -5.14 -0.62
C PHE B 127 19.31 -5.58 -1.90
N ASP B 128 19.80 -6.82 -1.89
CA ASP B 128 20.24 -7.49 -3.11
C ASP B 128 19.88 -8.98 -2.98
N ILE B 129 20.16 -9.74 -4.03
CA ILE B 129 19.96 -11.19 -4.03
C ILE B 129 21.33 -11.85 -4.21
N PRO B 130 21.89 -12.46 -3.14
CA PRO B 130 21.35 -12.48 -1.78
C PRO B 130 21.67 -11.17 -1.09
N GLY B 131 21.13 -10.98 0.12
CA GLY B 131 21.33 -9.74 0.85
C GLY B 131 19.98 -9.14 1.18
N PHE B 132 19.15 -9.93 1.84
CA PHE B 132 17.82 -9.50 2.29
C PHE B 132 17.45 -10.13 3.64
N TYR B 133 16.32 -9.73 4.19
CA TYR B 133 15.95 -10.01 5.59
C TYR B 133 17.16 -9.71 6.49
N ASP B 134 17.62 -10.65 7.30
CA ASP B 134 18.71 -10.34 8.23
C ASP B 134 19.98 -9.83 7.53
N SER B 135 20.13 -10.16 6.25
CA SER B 135 21.28 -9.75 5.43
C SER B 135 21.00 -8.51 4.56
N GLY B 136 19.84 -7.90 4.76
CA GLY B 136 19.46 -6.70 3.99
C GLY B 136 20.50 -5.60 4.10
N LEU B 137 20.55 -4.71 3.10
CA LEU B 137 21.63 -3.74 3.01
C LEU B 137 21.49 -2.60 4.01
N LEU B 138 20.30 -2.46 4.59
CA LEU B 138 20.08 -1.42 5.60
C LEU B 138 20.25 -1.98 7.01
N GLN B 139 20.94 -3.11 7.13
CA GLN B 139 21.28 -3.67 8.45
C GLN B 139 22.02 -2.66 9.31
N GLY B 140 21.83 -2.77 10.62
CA GLY B 140 22.40 -1.80 11.56
C GLY B 140 21.45 -0.65 11.85
N LYS B 141 20.51 -0.39 10.93
CA LYS B 141 19.57 0.71 11.10
C LYS B 141 18.33 0.23 11.84
N LEU B 142 17.70 1.17 12.56
CA LEU B 142 16.45 0.94 13.26
C LEU B 142 15.33 1.59 12.45
N ALA B 143 14.14 0.99 12.49
CA ALA B 143 12.96 1.60 11.89
C ALA B 143 11.78 1.46 12.83
N LEU B 144 10.85 2.42 12.76
CA LEU B 144 9.71 2.45 13.65
C LEU B 144 8.49 3.02 12.91
N LEU B 145 7.34 2.33 12.99
CA LEU B 145 6.09 2.83 12.43
C LEU B 145 5.27 3.56 13.50
N SER B 146 5.01 4.85 13.28
CA SER B 146 4.14 5.61 14.16
C SER B 146 2.84 5.89 13.41
N VAL B 147 1.81 5.13 13.77
CA VAL B 147 0.60 5.02 12.98
C VAL B 147 -0.58 5.54 13.80
N THR B 148 -1.46 6.27 13.14
CA THR B 148 -2.72 6.69 13.76
C THR B 148 -3.87 5.98 13.05
N THR B 149 -4.99 5.77 13.73
CA THR B 149 -6.11 5.02 13.16
C THR B 149 -7.44 5.75 13.34
N GLY B 150 -8.42 5.41 12.52
CA GLY B 150 -9.81 5.80 12.74
C GLY B 150 -10.47 4.89 13.75
N GLY B 151 -10.15 3.59 13.66
CA GLY B 151 -10.68 2.56 14.54
C GLY B 151 -10.13 2.64 15.96
N THR B 152 -10.94 2.25 16.95
CA THR B 152 -10.50 2.23 18.34
C THR B 152 -9.62 1.00 18.62
N ALA B 153 -8.88 1.05 19.73
CA ALA B 153 -8.10 -0.10 20.16
C ALA B 153 -8.95 -1.39 20.22
N GLU B 154 -10.18 -1.26 20.70
CA GLU B 154 -11.12 -2.42 20.79
C GLU B 154 -11.37 -3.07 19.43
N MET B 155 -11.53 -2.25 18.39
CA MET B 155 -11.79 -2.79 17.05
C MET B 155 -10.58 -3.53 16.49
N TYR B 156 -9.39 -3.12 16.92
CA TYR B 156 -8.15 -3.77 16.50
C TYR B 156 -7.64 -4.85 17.46
N THR B 157 -8.55 -5.72 17.85
CA THR B 157 -8.20 -6.89 18.66
C THR B 157 -8.55 -8.16 17.90
N LYS B 158 -7.93 -9.27 18.28
CA LYS B 158 -8.23 -10.58 17.70
C LYS B 158 -9.73 -10.85 17.52
N THR B 159 -10.55 -10.38 18.46
CA THR B 159 -12.00 -10.58 18.39
C THR B 159 -12.79 -9.31 18.02
N GLY B 160 -12.08 -8.23 17.73
CA GLY B 160 -12.69 -7.02 17.17
C GLY B 160 -12.94 -7.21 15.68
N VAL B 161 -13.67 -6.28 15.06
CA VAL B 161 -14.05 -6.40 13.65
C VAL B 161 -12.86 -6.39 12.69
N ASN B 162 -11.86 -5.58 13.03
CA ASN B 162 -10.70 -5.34 12.18
C ASN B 162 -9.58 -6.37 12.39
N GLY B 163 -9.74 -7.25 13.38
CA GLY B 163 -8.67 -8.19 13.75
C GLY B 163 -7.57 -7.44 14.48
N ASP B 164 -6.60 -8.19 15.02
CA ASP B 164 -5.53 -7.55 15.79
C ASP B 164 -4.73 -6.56 14.93
N SER B 165 -4.27 -5.47 15.54
CA SER B 165 -3.50 -4.47 14.85
C SER B 165 -2.22 -5.05 14.23
N ARG B 166 -1.60 -6.02 14.89
CA ARG B 166 -0.37 -6.62 14.35
C ARG B 166 -0.57 -7.27 12.97
N TYR B 167 -1.80 -7.72 12.68
CA TYR B 167 -2.07 -8.33 11.38
C TYR B 167 -1.71 -7.42 10.19
N PHE B 168 -2.13 -6.16 10.27
CA PHE B 168 -1.88 -5.22 9.16
C PHE B 168 -0.44 -4.69 9.15
N LEU B 169 0.31 -4.93 10.22
CA LEU B 169 1.72 -4.52 10.26
C LEU B 169 2.63 -5.38 9.41
N TRP B 170 2.18 -6.59 9.09
CA TRP B 170 3.03 -7.59 8.44
C TRP B 170 3.71 -7.12 7.13
N PRO B 171 2.94 -6.60 6.16
CA PRO B 171 3.59 -6.23 4.90
C PRO B 171 4.62 -5.12 5.11
N LEU B 172 4.36 -4.26 6.09
CA LEU B 172 5.23 -3.13 6.35
C LEU B 172 6.44 -3.49 7.20
N GLN B 173 6.21 -4.16 8.32
CA GLN B 173 7.31 -4.53 9.21
C GLN B 173 8.18 -5.65 8.65
N HIS B 174 7.55 -6.73 8.21
CA HIS B 174 8.30 -7.88 7.72
C HIS B 174 8.63 -7.74 6.25
N GLY B 175 7.60 -7.50 5.45
CA GLY B 175 7.73 -7.53 4.01
C GLY B 175 8.64 -6.43 3.48
N THR B 176 8.63 -5.30 4.19
CA THR B 176 9.40 -4.13 3.75
C THR B 176 10.63 -3.86 4.64
N LEU B 177 10.41 -3.48 5.89
CA LEU B 177 11.52 -3.03 6.74
C LEU B 177 12.50 -4.16 7.04
N HIS B 178 11.99 -5.29 7.53
CA HIS B 178 12.85 -6.43 7.86
C HIS B 178 13.54 -6.92 6.59
N PHE B 179 12.81 -6.95 5.48
CA PHE B 179 13.37 -7.43 4.22
C PHE B 179 14.62 -6.62 3.83
N CYS B 180 14.57 -5.31 4.11
CA CYS B 180 15.71 -4.41 3.84
C CYS B 180 16.82 -4.48 4.90
N GLY B 181 16.60 -5.26 5.95
CA GLY B 181 17.61 -5.44 6.98
C GLY B 181 17.46 -4.54 8.20
N PHE B 182 16.42 -3.71 8.22
CA PHE B 182 16.16 -2.90 9.42
C PHE B 182 15.89 -3.78 10.62
N LYS B 183 16.37 -3.35 11.77
CA LYS B 183 15.83 -3.82 13.03
C LYS B 183 14.57 -3.00 13.31
N VAL B 184 13.45 -3.68 13.53
CA VAL B 184 12.17 -3.01 13.70
C VAL B 184 11.87 -2.82 15.18
N LEU B 185 11.73 -1.55 15.57
CA LEU B 185 11.23 -1.22 16.90
C LEU B 185 9.72 -1.36 16.98
N ALA B 186 9.22 -1.56 18.20
CA ALA B 186 7.79 -1.75 18.40
C ALA B 186 7.03 -0.54 17.83
N PRO B 187 5.91 -0.80 17.14
CA PRO B 187 5.16 0.31 16.55
C PRO B 187 4.54 1.20 17.60
N GLN B 188 4.43 2.49 17.29
CA GLN B 188 3.64 3.40 18.10
C GLN B 188 2.29 3.49 17.43
N ILE B 189 1.24 2.95 18.05
CA ILE B 189 -0.09 3.12 17.47
C ILE B 189 -0.95 4.02 18.32
N SER B 190 -1.35 5.14 17.74
CA SER B 190 -2.20 6.11 18.42
C SER B 190 -3.63 5.92 17.92
N PHE B 191 -4.44 5.22 18.72
CA PHE B 191 -5.77 4.80 18.30
C PHE B 191 -6.81 5.93 18.34
N ALA B 192 -7.51 6.09 17.21
CA ALA B 192 -8.75 6.88 17.12
C ALA B 192 -8.68 8.27 17.77
N PRO B 193 -7.71 9.13 17.37
CA PRO B 193 -7.63 10.47 17.95
C PRO B 193 -8.85 11.35 17.67
N GLU B 194 -9.56 11.09 16.56
CA GLU B 194 -10.77 11.83 16.25
C GLU B 194 -11.90 11.58 17.28
N ILE B 195 -12.01 10.35 17.78
CA ILE B 195 -13.00 9.95 18.82
C ILE B 195 -12.56 10.39 20.22
N ALA B 196 -11.26 10.32 20.48
CA ALA B 196 -10.67 10.63 21.78
C ALA B 196 -10.98 12.04 22.29
N SER B 197 -10.98 12.20 23.60
CA SER B 197 -11.17 13.50 24.23
C SER B 197 -9.90 14.34 24.14
N GLU B 198 -10.01 15.61 24.50
CA GLU B 198 -8.86 16.52 24.55
C GLU B 198 -7.74 16.00 25.45
N GLU B 199 -8.12 15.48 26.62
CA GLU B 199 -7.18 14.91 27.60
C GLU B 199 -6.48 13.67 27.03
N GLU B 200 -7.26 12.81 26.37
CA GLU B 200 -6.74 11.58 25.81
C GLU B 200 -5.78 11.86 24.66
N ARG B 201 -6.12 12.83 23.80
CA ARG B 201 -5.27 13.21 22.68
C ARG B 201 -3.93 13.77 23.16
N LYS B 202 -3.99 14.68 24.14
CA LYS B 202 -2.79 15.25 24.73
C LYS B 202 -1.96 14.16 25.39
N GLY B 203 -2.64 13.17 25.96
CA GLY B 203 -2.00 12.01 26.56
C GLY B 203 -1.25 11.14 25.57
N MET B 204 -1.86 10.89 24.41
CA MET B 204 -1.21 10.11 23.35
C MET B 204 0.02 10.82 22.81
N VAL B 205 -0.06 12.15 22.69
CA VAL B 205 1.09 12.94 22.21
C VAL B 205 2.23 12.86 23.24
N ALA B 206 1.87 13.02 24.51
CA ALA B 206 2.85 12.95 25.60
C ALA B 206 3.50 11.57 25.75
N ALA B 207 2.71 10.51 25.54
CA ALA B 207 3.23 9.14 25.58
C ALA B 207 4.29 8.89 24.52
N TRP B 208 4.06 9.42 23.32
CA TRP B 208 5.04 9.34 22.23
C TRP B 208 6.31 10.11 22.58
N SER B 209 6.15 11.36 23.03
CA SER B 209 7.28 12.19 23.46
C SER B 209 8.10 11.48 24.55
N GLN B 210 7.39 10.92 25.53
CA GLN B 210 8.02 10.18 26.63
C GLN B 210 8.76 8.94 26.13
N ARG B 211 8.15 8.18 25.22
CA ARG B 211 8.82 7.00 24.67
C ARG B 211 10.14 7.36 24.00
N LEU B 212 10.12 8.47 23.26
CA LEU B 212 11.29 8.90 22.50
C LEU B 212 12.47 9.26 23.41
N GLN B 213 12.15 9.70 24.63
CA GLN B 213 13.20 9.97 25.63
C GLN B 213 14.16 8.78 25.79
N THR B 214 13.61 7.57 25.70
CA THR B 214 14.41 6.36 25.94
C THR B 214 14.49 5.41 24.74
N ILE B 215 14.26 5.95 23.54
CA ILE B 215 14.21 5.15 22.32
C ILE B 215 15.52 4.42 22.00
N TRP B 216 16.65 5.01 22.38
CA TRP B 216 17.96 4.47 22.04
C TRP B 216 18.31 3.26 22.93
N LYS B 217 17.51 3.07 23.97
CA LYS B 217 17.68 1.93 24.88
C LYS B 217 16.78 0.75 24.51
N GLU B 218 15.89 0.93 23.54
CA GLU B 218 14.95 -0.13 23.17
C GLU B 218 15.59 -1.25 22.37
N GLU B 219 15.06 -2.46 22.52
CA GLU B 219 15.42 -3.59 21.68
C GLU B 219 14.35 -3.70 20.60
N PRO B 220 14.75 -4.17 19.41
CA PRO B 220 13.73 -4.37 18.37
C PRO B 220 12.83 -5.56 18.67
N ILE B 221 11.71 -5.65 17.96
CA ILE B 221 10.83 -6.81 18.09
C ILE B 221 11.41 -7.99 17.32
N PRO B 222 11.01 -9.23 17.70
CA PRO B 222 11.31 -10.35 16.82
C PRO B 222 10.32 -10.29 15.64
N CYS B 223 10.79 -9.86 14.49
CA CYS B 223 9.89 -9.61 13.37
C CYS B 223 9.59 -10.94 12.65
N THR B 224 8.71 -11.74 13.27
CA THR B 224 8.43 -13.09 12.78
C THR B 224 6.93 -13.24 12.58
N ALA B 225 6.54 -14.30 11.86
CA ALA B 225 5.14 -14.72 11.77
C ALA B 225 4.48 -14.85 13.15
N HIS B 226 5.17 -15.47 14.11
CA HIS B 226 4.61 -15.67 15.44
C HIS B 226 4.25 -14.35 16.15
N TRP B 227 5.16 -13.37 16.12
CA TRP B 227 4.91 -12.08 16.75
C TRP B 227 3.65 -11.42 16.18
N HIS B 228 3.51 -11.51 14.86
CA HIS B 228 2.44 -10.84 14.14
C HIS B 228 1.09 -11.55 14.30
N PHE B 229 1.13 -12.89 14.28
CA PHE B 229 -0.09 -13.69 14.17
C PHE B 229 -0.37 -14.64 15.32
N GLY B 230 0.67 -15.04 16.05
CA GLY B 230 0.50 -15.94 17.20
C GLY B 230 0.31 -17.40 16.79
#